data_7NI7
#
_entry.id   7NI7
#
_cell.length_a   64.140
_cell.length_b   64.140
_cell.length_c   225.970
_cell.angle_alpha   90.000
_cell.angle_beta   90.000
_cell.angle_gamma   120.000
#
_symmetry.space_group_name_H-M   'P 32 2 1'
#
loop_
_entity.id
_entity.type
_entity.pdbx_description
1 polymer 'N6-adenosine-methyltransferase catalytic subunit'
2 polymer 'N6-adenosine-methyltransferase non-catalytic subunit'
3 non-polymer (R)-4-((4,4-dimethylpiperidin-1-yl)methyl)-2-hydroxy-N-((3-hydroxy-1-(6-((3-(methylcarbamoyl)benzyl)amino)pyrimidin-4-yl)piperidin-3-yl)methyl)benzamide
4 non-polymer 'ACETATE ION'
5 non-polymer 'MAGNESIUM ION'
6 water water
#
loop_
_entity_poly.entity_id
_entity_poly.type
_entity_poly.pdbx_seq_one_letter_code
_entity_poly.pdbx_strand_id
1 'polypeptide(L)'
;MGHHHHHHSSGRENLYFQGALTQSVGGDSSADRLFPPQWICCDIRYLDVSILGKFAVVMADPPWDIHMELPYGTLTDDEM
RRLNIPVLQDDGFLFLWVTGRAMELGRECLNLWGYERVDEIIWVKTNQLQRIIRTGRTGHWLNHGKEHCLVGVKGNPQGF
NQGLDCDVIVAEVRSTSHKPDEIYGMIERLSPGTRKIELFGRPHNVQPNWITLGNQLDGIHLLDPDVVARFKQRYPDGII
SKPKNL
;
A
2 'polypeptide(L)'
;MLKGTQSLNPHNDYCQHFVDTGHRPQNFIRDVGLADRFEEYPKLRELIRLKDELIAKSNTPPMYLQADIEAFDIRELTPK
FDVILLEPPLEEYYRETGITANEKCWTWDDIMKLEIDEIAAPRSFIFLWCGSGEGLDLGRVCLRKWGYRRCEDICWIKTN
KNNPGKTKTLDPKAVFQRTKEHCLMGIKGTVKRSTDGDFIHANVDIDLIITEEPEIGNIEKPVEIFHIIEHFCLGRRRLH
LFGRDSTIRPGWLTVGPTLTNSNYNAETYASYFSAPNSYLTGCTEEIERL
;
B
#
# COMPACT_ATOMS: atom_id res chain seq x y z
N LEU A 34 31.16 16.78 -1.72
CA LEU A 34 30.79 17.61 -2.85
C LEU A 34 29.27 17.76 -2.96
N PHE A 35 28.81 18.32 -4.07
CA PHE A 35 27.42 18.71 -4.27
C PHE A 35 26.88 18.24 -5.63
N PRO A 36 27.62 18.35 -6.72
CA PRO A 36 27.03 18.07 -8.05
C PRO A 36 26.87 16.58 -8.26
N PRO A 37 26.08 16.17 -9.26
CA PRO A 37 25.87 14.74 -9.55
C PRO A 37 27.14 13.90 -9.50
N GLN A 38 27.01 12.68 -8.98
CA GLN A 38 28.09 11.70 -8.95
C GLN A 38 27.51 10.35 -9.33
N TRP A 39 28.34 9.48 -9.91
CA TRP A 39 27.78 8.18 -10.24
C TRP A 39 28.87 7.16 -10.50
N ILE A 40 28.44 5.91 -10.59
CA ILE A 40 29.28 4.74 -10.74
C ILE A 40 28.50 3.71 -11.57
N CYS A 41 28.94 3.49 -12.81
CA CYS A 41 28.52 2.28 -13.51
C CYS A 41 29.16 1.09 -12.81
N CYS A 42 28.35 0.11 -12.43
CA CYS A 42 28.86 -1.05 -11.72
C CYS A 42 27.77 -2.09 -11.65
N ASP A 43 28.15 -3.27 -11.16
CA ASP A 43 27.23 -4.33 -10.76
C ASP A 43 27.02 -4.13 -9.28
N ILE A 44 25.82 -3.71 -8.89
CA ILE A 44 25.61 -3.38 -7.50
C ILE A 44 25.79 -4.61 -6.60
N ARG A 45 25.71 -5.82 -7.17
CA ARG A 45 25.99 -7.02 -6.37
C ARG A 45 27.43 -7.07 -5.91
N TYR A 46 28.36 -6.52 -6.71
CA TYR A 46 29.78 -6.72 -6.49
C TYR A 46 30.50 -5.50 -5.98
N LEU A 47 29.95 -4.30 -6.15
CA LEU A 47 30.59 -3.10 -5.62
C LEU A 47 30.76 -3.23 -4.12
N ASP A 48 31.89 -2.73 -3.62
CA ASP A 48 32.14 -2.64 -2.19
C ASP A 48 31.65 -1.28 -1.74
N VAL A 49 30.38 -1.22 -1.32
CA VAL A 49 29.77 0.07 -1.00
C VAL A 49 30.33 0.71 0.25
N SER A 50 31.14 -0.03 1.03
CA SER A 50 31.76 0.54 2.23
C SER A 50 32.66 1.72 1.91
N ILE A 51 33.09 1.89 0.66
CA ILE A 51 33.93 3.03 0.31
C ILE A 51 33.14 4.33 0.23
N LEU A 52 31.81 4.23 0.17
CA LEU A 52 30.97 5.38 -0.13
C LEU A 52 30.63 6.25 1.07
N GLY A 53 30.82 5.76 2.30
CA GLY A 53 30.43 6.52 3.47
C GLY A 53 28.97 6.36 3.87
N LYS A 54 28.52 7.29 4.71
CA LYS A 54 27.19 7.25 5.33
C LYS A 54 26.25 8.26 4.68
N PHE A 55 24.95 7.93 4.62
CA PHE A 55 24.00 8.77 3.91
C PHE A 55 22.76 9.07 4.73
N ALA A 56 22.24 10.30 4.60
CA ALA A 56 21.01 10.66 5.30
C ALA A 56 19.78 10.00 4.68
N VAL A 57 19.80 9.78 3.37
CA VAL A 57 18.71 9.15 2.63
C VAL A 57 19.30 8.15 1.65
N VAL A 58 18.71 6.96 1.62
CA VAL A 58 18.98 5.94 0.61
C VAL A 58 17.68 5.70 -0.15
N MET A 59 17.78 5.56 -1.48
CA MET A 59 16.66 5.22 -2.34
C MET A 59 17.04 4.07 -3.26
N ALA A 60 16.10 3.15 -3.47
CA ALA A 60 16.35 1.98 -4.29
C ALA A 60 15.09 1.63 -5.09
N ASP A 61 15.27 1.43 -6.39
CA ASP A 61 14.18 1.06 -7.30
C ASP A 61 14.60 -0.25 -7.96
N PRO A 62 14.51 -1.36 -7.24
CA PRO A 62 15.26 -2.57 -7.64
C PRO A 62 14.58 -3.31 -8.77
N PRO A 63 15.35 -4.05 -9.56
CA PRO A 63 14.85 -5.05 -10.53
C PRO A 63 14.46 -6.37 -9.87
N TRP A 64 13.35 -6.35 -9.14
CA TRP A 64 12.88 -7.54 -8.47
C TRP A 64 12.61 -8.65 -9.48
N ASP A 65 12.78 -9.90 -9.04
CA ASP A 65 12.33 -11.06 -9.82
C ASP A 65 10.84 -11.33 -9.60
N ILE A 66 10.03 -10.37 -10.03
CA ILE A 66 8.59 -10.57 -10.12
C ILE A 66 8.18 -10.95 -11.53
N HIS A 67 9.15 -11.08 -12.45
CA HIS A 67 9.00 -11.02 -13.90
C HIS A 67 8.82 -9.55 -14.34
N LEU A 70 13.46 -14.11 -16.06
CA LEU A 70 14.42 -13.21 -15.44
C LEU A 70 15.09 -12.30 -16.47
N PRO A 71 14.57 -11.07 -16.61
CA PRO A 71 15.18 -10.07 -17.50
C PRO A 71 16.63 -9.79 -17.16
N TYR A 72 17.38 -9.29 -18.15
CA TYR A 72 18.75 -8.85 -17.87
C TYR A 72 18.67 -7.77 -16.81
N GLY A 73 19.43 -7.96 -15.75
CA GLY A 73 19.51 -6.98 -14.68
C GLY A 73 18.81 -7.40 -13.41
N THR A 74 17.87 -8.34 -13.49
CA THR A 74 17.11 -8.79 -12.35
C THR A 74 18.01 -9.42 -11.29
N LEU A 75 17.62 -9.28 -10.03
CA LEU A 75 18.28 -9.94 -8.91
C LEU A 75 17.34 -10.96 -8.31
N THR A 76 17.88 -12.11 -7.92
CA THR A 76 17.08 -13.07 -7.19
C THR A 76 16.82 -12.55 -5.79
N ASP A 77 15.90 -13.21 -5.10
CA ASP A 77 15.51 -12.75 -3.78
C ASP A 77 16.66 -12.84 -2.79
N ASP A 78 17.53 -13.85 -2.92
CA ASP A 78 18.68 -13.93 -2.01
C ASP A 78 19.70 -12.83 -2.29
N GLU A 79 19.90 -12.49 -3.57
CA GLU A 79 20.81 -11.40 -3.89
C GLU A 79 20.30 -10.09 -3.32
N MET A 80 19.01 -9.78 -3.56
CA MET A 80 18.36 -8.66 -2.89
C MET A 80 18.62 -8.69 -1.39
N ARG A 81 18.42 -9.84 -0.75
CA ARG A 81 18.58 -9.95 0.70
C ARG A 81 20.00 -9.66 1.13
N ARG A 82 20.98 -9.99 0.29
CA ARG A 82 22.37 -9.94 0.72
C ARG A 82 23.08 -8.64 0.34
N LEU A 83 22.43 -7.75 -0.40
CA LEU A 83 22.94 -6.39 -0.59
C LEU A 83 23.38 -5.82 0.75
N ASN A 84 24.40 -4.97 0.72
CA ASN A 84 25.01 -4.48 1.95
C ASN A 84 24.47 -3.11 2.34
N ILE A 85 23.15 -2.96 2.29
CA ILE A 85 22.46 -1.75 2.74
C ILE A 85 22.89 -1.34 4.15
N PRO A 86 23.03 -2.28 5.10
CA PRO A 86 23.24 -1.86 6.50
C PRO A 86 24.45 -0.96 6.74
N VAL A 87 25.42 -0.89 5.82
CA VAL A 87 26.59 -0.03 6.01
C VAL A 87 26.38 1.39 5.49
N LEU A 88 25.33 1.62 4.72
CA LEU A 88 25.15 2.92 4.07
C LEU A 88 24.58 3.98 5.01
N GLN A 89 23.92 3.61 6.10
CA GLN A 89 23.34 4.60 7.00
C GLN A 89 23.59 4.26 8.45
N ASP A 90 23.65 5.30 9.28
CA ASP A 90 23.55 5.18 10.72
C ASP A 90 22.22 5.66 11.25
N ASP A 91 21.77 6.83 10.78
CA ASP A 91 20.45 7.36 11.13
C ASP A 91 19.88 8.03 9.90
N GLY A 92 18.71 7.62 9.50
CA GLY A 92 18.07 8.21 8.35
C GLY A 92 17.10 7.25 7.72
N PHE A 93 16.66 7.63 6.53
CA PHE A 93 15.49 7.05 5.89
C PHE A 93 15.88 6.28 4.63
N LEU A 94 15.11 5.23 4.34
CA LEU A 94 15.24 4.45 3.12
C LEU A 94 13.93 4.49 2.34
N PHE A 95 14.03 4.66 1.03
CA PHE A 95 12.90 4.72 0.10
C PHE A 95 13.05 3.57 -0.88
N LEU A 96 12.03 2.70 -0.94
CA LEU A 96 12.12 1.37 -1.56
C LEU A 96 10.88 1.08 -2.42
N TRP A 97 11.04 1.17 -3.73
CA TRP A 97 9.92 0.95 -4.62
C TRP A 97 9.61 -0.52 -4.69
N VAL A 98 8.33 -0.84 -4.62
CA VAL A 98 7.86 -2.21 -4.54
C VAL A 98 6.65 -2.35 -5.46
N THR A 99 6.44 -3.56 -5.94
CA THR A 99 5.34 -3.84 -6.83
C THR A 99 5.10 -5.34 -6.82
N GLY A 100 3.85 -5.74 -7.04
CA GLY A 100 3.48 -7.14 -6.96
C GLY A 100 3.93 -7.74 -5.66
N ARG A 101 4.50 -8.94 -5.74
CA ARG A 101 4.91 -9.65 -4.54
C ARG A 101 6.12 -9.01 -3.86
N ALA A 102 6.83 -8.09 -4.53
CA ALA A 102 7.85 -7.35 -3.82
C ALA A 102 7.25 -6.42 -2.78
N MET A 103 5.94 -6.18 -2.83
CA MET A 103 5.31 -5.51 -1.70
C MET A 103 5.58 -6.27 -0.41
N GLU A 104 5.57 -7.60 -0.46
CA GLU A 104 5.90 -8.40 0.71
C GLU A 104 7.40 -8.61 0.87
N LEU A 105 8.10 -8.89 -0.23
CA LEU A 105 9.53 -9.15 -0.17
C LEU A 105 10.33 -7.90 0.21
N GLY A 106 9.94 -6.73 -0.32
CA GLY A 106 10.62 -5.52 0.07
C GLY A 106 10.44 -5.21 1.54
N ARG A 107 9.29 -5.59 2.10
CA ARG A 107 9.10 -5.47 3.55
C ARG A 107 10.07 -6.37 4.30
N GLU A 108 10.40 -7.51 3.70
CA GLU A 108 11.34 -8.44 4.30
C GLU A 108 12.77 -7.91 4.26
N CYS A 109 13.26 -7.52 3.07
CA CYS A 109 14.58 -6.91 2.96
C CYS A 109 14.69 -5.70 3.87
N LEU A 110 13.66 -4.87 3.88
CA LEU A 110 13.67 -3.66 4.67
C LEU A 110 13.94 -3.99 6.13
N ASN A 111 13.21 -4.97 6.68
CA ASN A 111 13.40 -5.38 8.06
C ASN A 111 14.72 -6.12 8.26
N LEU A 112 15.06 -7.00 7.31
CA LEU A 112 16.35 -7.70 7.38
C LEU A 112 17.51 -6.72 7.43
N TRP A 113 17.45 -5.65 6.62
CA TRP A 113 18.52 -4.67 6.57
C TRP A 113 18.58 -3.75 7.78
N GLY A 114 17.64 -3.85 8.71
CA GLY A 114 17.69 -3.07 9.93
C GLY A 114 16.75 -1.90 10.03
N TYR A 115 15.70 -1.85 9.23
CA TYR A 115 14.79 -0.72 9.17
C TYR A 115 13.42 -1.12 9.69
N GLU A 116 12.70 -0.14 10.23
CA GLU A 116 11.27 -0.22 10.43
C GLU A 116 10.54 0.55 9.32
N ARG A 117 9.45 -0.03 8.81
CA ARG A 117 8.65 0.67 7.79
C ARG A 117 7.69 1.62 8.50
N VAL A 118 7.92 2.92 8.37
CA VAL A 118 7.13 3.94 9.05
C VAL A 118 6.20 4.73 8.14
N ASP A 119 6.24 4.53 6.83
CA ASP A 119 5.33 5.21 5.92
C ASP A 119 5.36 4.47 4.60
N GLU A 120 4.44 4.85 3.71
CA GLU A 120 4.32 4.20 2.41
C GLU A 120 3.73 5.22 1.45
N ILE A 121 4.52 5.67 0.49
CA ILE A 121 4.08 6.65 -0.48
C ILE A 121 3.38 5.95 -1.65
N ILE A 122 2.35 6.57 -2.19
CA ILE A 122 1.78 6.10 -3.45
C ILE A 122 1.84 7.25 -4.45
N TRP A 123 2.22 6.93 -5.68
CA TRP A 123 2.20 7.87 -6.78
C TRP A 123 1.02 7.50 -7.66
N VAL A 124 0.00 8.37 -7.68
CA VAL A 124 -1.12 8.20 -8.59
C VAL A 124 -0.67 8.61 -9.99
N LYS A 125 -0.81 7.71 -10.95
CA LYS A 125 -0.32 7.97 -12.30
C LYS A 125 -1.43 8.63 -13.12
N THR A 126 -1.18 9.87 -13.55
CA THR A 126 -2.11 10.62 -14.39
C THR A 126 -1.48 10.95 -15.74
N ASN A 127 -2.34 11.30 -16.70
CA ASN A 127 -1.89 11.78 -18.00
C ASN A 127 -1.54 13.27 -17.97
N GLN A 128 -1.48 13.91 -19.14
CA GLN A 128 -1.17 15.34 -19.19
C GLN A 128 -2.36 16.20 -18.78
N LEU A 129 -3.57 15.63 -18.78
CA LEU A 129 -4.79 16.33 -18.36
C LEU A 129 -5.27 15.88 -16.97
N GLN A 130 -4.41 15.21 -16.19
CA GLN A 130 -4.69 14.87 -14.78
C GLN A 130 -5.84 13.89 -14.66
N ARG A 131 -5.92 12.93 -15.57
CA ARG A 131 -6.84 11.81 -15.45
C ARG A 131 -6.02 10.54 -15.21
N ILE A 132 -6.59 9.59 -14.47
CA ILE A 132 -5.81 8.44 -14.06
C ILE A 132 -5.56 7.51 -15.24
N ILE A 133 -4.32 7.07 -15.42
CA ILE A 133 -4.06 5.90 -16.27
C ILE A 133 -4.37 4.62 -15.49
N GLY A 139 -1.25 -8.28 -10.74
CA GLY A 139 -2.56 -7.72 -10.47
C GLY A 139 -3.57 -7.98 -11.58
N HIS A 140 -4.12 -9.19 -11.59
CA HIS A 140 -5.08 -9.60 -12.59
C HIS A 140 -6.54 -9.45 -12.14
N TRP A 141 -6.78 -8.78 -11.00
CA TRP A 141 -8.13 -8.56 -10.50
C TRP A 141 -8.59 -7.11 -10.67
N LEU A 142 -7.67 -6.15 -10.55
CA LEU A 142 -7.97 -4.73 -10.65
C LEU A 142 -6.88 -4.06 -11.46
N ASN A 143 -7.28 -3.11 -12.29
CA ASN A 143 -6.29 -2.30 -12.97
C ASN A 143 -5.57 -1.45 -11.94
N HIS A 144 -4.31 -1.16 -12.22
CA HIS A 144 -3.45 -0.48 -11.25
C HIS A 144 -3.35 0.99 -11.61
N GLY A 145 -3.64 1.84 -10.63
CA GLY A 145 -3.62 3.27 -10.83
C GLY A 145 -2.45 3.96 -10.17
N LYS A 146 -1.50 3.19 -9.64
CA LYS A 146 -0.56 3.76 -8.68
C LYS A 146 0.66 2.86 -8.54
N GLU A 147 1.72 3.45 -8.00
CA GLU A 147 2.95 2.76 -7.68
C GLU A 147 3.27 3.03 -6.22
N HIS A 148 3.94 2.07 -5.59
CA HIS A 148 4.17 2.05 -4.15
C HIS A 148 5.65 2.21 -3.87
N CYS A 149 5.96 2.98 -2.84
CA CYS A 149 7.34 3.17 -2.39
C CYS A 149 7.33 3.13 -0.87
N LEU A 150 7.92 2.09 -0.29
CA LEU A 150 8.05 2.00 1.16
C LEU A 150 9.03 3.04 1.68
N VAL A 151 8.78 3.52 2.89
CA VAL A 151 9.67 4.45 3.58
C VAL A 151 10.08 3.79 4.89
N GLY A 152 11.39 3.64 5.10
CA GLY A 152 11.91 2.97 6.27
C GLY A 152 12.85 3.86 7.08
N VAL A 153 12.85 3.66 8.39
CA VAL A 153 13.69 4.41 9.29
C VAL A 153 14.70 3.49 9.98
N LYS A 154 15.91 4.02 10.21
CA LYS A 154 16.99 3.33 10.91
C LYS A 154 17.57 4.29 11.93
N GLY A 155 17.72 3.82 13.17
CA GLY A 155 18.24 4.71 14.20
C GLY A 155 17.23 5.79 14.56
N ASN A 156 17.74 6.88 15.14
CA ASN A 156 16.91 8.05 15.41
C ASN A 156 17.38 9.22 14.55
N PRO A 157 16.82 9.40 13.36
CA PRO A 157 17.18 10.57 12.54
C PRO A 157 16.78 11.86 13.24
N GLN A 158 17.74 12.75 13.39
CA GLN A 158 17.53 14.03 14.04
C GLN A 158 17.77 15.16 13.06
N GLY A 159 16.86 16.12 13.07
CA GLY A 159 16.99 17.31 12.26
C GLY A 159 16.29 17.24 10.93
N PHE A 160 15.33 16.34 10.79
CA PHE A 160 14.66 16.19 9.52
C PHE A 160 13.33 16.92 9.61
N ASN A 161 12.83 17.36 8.46
CA ASN A 161 11.55 18.04 8.39
C ASN A 161 10.44 17.03 8.09
N GLN A 162 10.13 16.24 9.09
CA GLN A 162 9.04 15.30 8.95
C GLN A 162 7.73 16.05 8.92
N GLY A 163 6.87 15.72 7.94
CA GLY A 163 5.54 16.27 7.87
C GLY A 163 5.31 17.39 6.88
N LEU A 164 6.31 17.75 6.08
CA LEU A 164 6.11 18.81 5.08
C LEU A 164 5.28 18.35 3.91
N ASP A 165 5.52 17.14 3.43
CA ASP A 165 4.83 16.57 2.30
C ASP A 165 3.83 15.53 2.81
N CYS A 166 2.96 15.10 1.92
CA CYS A 166 2.03 14.06 2.29
C CYS A 166 2.31 12.82 1.45
N ASP A 167 1.67 11.72 1.82
CA ASP A 167 2.08 10.42 1.29
C ASP A 167 1.50 10.12 -0.08
N VAL A 168 0.97 11.10 -0.80
CA VAL A 168 0.42 10.86 -2.13
C VAL A 168 1.10 11.77 -3.15
N ILE A 169 1.62 11.16 -4.21
CA ILE A 169 2.16 11.89 -5.35
C ILE A 169 1.19 11.76 -6.52
N VAL A 170 0.84 12.88 -7.10
CA VAL A 170 0.04 12.94 -8.31
C VAL A 170 0.92 13.56 -9.37
N ALA A 171 1.33 12.77 -10.35
CA ALA A 171 2.28 13.25 -11.35
C ALA A 171 2.03 12.51 -12.65
N GLU A 172 2.78 12.93 -13.66
CA GLU A 172 2.51 12.64 -15.06
C GLU A 172 3.52 11.62 -15.52
N VAL A 173 3.02 10.49 -16.05
CA VAL A 173 3.87 9.41 -16.56
C VAL A 173 4.76 9.96 -17.67
N ARG A 174 6.08 10.05 -17.42
CA ARG A 174 7.03 10.25 -18.50
C ARG A 174 7.25 8.89 -19.19
N SER A 175 8.48 8.61 -19.60
CA SER A 175 8.74 7.31 -20.20
C SER A 175 8.39 6.21 -19.19
N THR A 176 7.90 5.08 -19.69
CA THR A 176 7.68 3.95 -18.81
C THR A 176 8.99 3.61 -18.08
N SER A 177 8.85 3.06 -16.88
CA SER A 177 9.95 2.72 -15.98
C SER A 177 10.58 3.96 -15.33
N HIS A 178 10.12 5.17 -15.64
CA HIS A 178 10.63 6.37 -15.00
C HIS A 178 9.97 6.56 -13.64
N LYS A 179 10.75 6.87 -12.64
CA LYS A 179 10.02 7.31 -11.46
C LYS A 179 9.78 8.81 -11.54
N PRO A 180 8.76 9.33 -10.85
CA PRO A 180 8.48 10.76 -10.92
C PRO A 180 9.53 11.58 -10.20
N ASP A 181 10.00 12.65 -10.85
CA ASP A 181 11.04 13.49 -10.24
C ASP A 181 10.56 14.17 -8.96
N GLU A 182 9.25 14.17 -8.73
CA GLU A 182 8.70 14.76 -7.51
C GLU A 182 9.29 14.12 -6.24
N ILE A 183 9.65 12.82 -6.30
CA ILE A 183 10.21 12.14 -5.13
C ILE A 183 11.50 12.82 -4.66
N TYR A 184 12.25 13.44 -5.57
CA TYR A 184 13.50 14.08 -5.16
C TYR A 184 13.23 15.38 -4.41
N GLY A 185 12.21 16.14 -4.82
CA GLY A 185 11.82 17.31 -4.05
C GLY A 185 11.35 16.97 -2.64
N MET A 186 10.50 15.94 -2.51
CA MET A 186 10.02 15.54 -1.20
C MET A 186 11.18 15.12 -0.30
N ILE A 187 12.16 14.41 -0.88
CA ILE A 187 13.33 13.98 -0.12
C ILE A 187 14.21 15.17 0.25
N GLU A 188 14.41 16.10 -0.69
CA GLU A 188 15.21 17.29 -0.41
C GLU A 188 14.56 18.17 0.66
N ARG A 189 13.25 18.36 0.57
CA ARG A 189 12.60 19.16 1.61
C ARG A 189 12.72 18.47 2.96
N LEU A 190 12.65 17.13 2.96
CA LEU A 190 12.73 16.36 4.19
C LEU A 190 14.12 16.42 4.80
N SER A 191 15.16 16.28 3.98
CA SER A 191 16.56 16.32 4.43
C SER A 191 17.39 17.23 3.53
N PRO A 192 17.35 18.54 3.76
CA PRO A 192 18.05 19.47 2.86
C PRO A 192 19.55 19.50 3.06
N GLY A 193 20.28 19.49 1.95
CA GLY A 193 21.73 19.62 1.93
C GLY A 193 22.53 18.38 2.26
N THR A 194 21.88 17.24 2.50
CA THR A 194 22.57 16.05 3.00
C THR A 194 22.98 15.12 1.87
N ARG A 195 23.87 14.19 2.21
CA ARG A 195 24.28 13.14 1.29
C ARG A 195 23.18 12.10 1.05
N LYS A 196 22.98 11.74 -0.20
CA LYS A 196 21.97 10.76 -0.59
C LYS A 196 22.58 9.76 -1.55
N ILE A 197 22.03 8.55 -1.56
CA ILE A 197 22.49 7.52 -2.48
C ILE A 197 21.30 6.81 -3.11
N GLU A 198 21.37 6.65 -4.43
CA GLU A 198 20.37 5.93 -5.20
C GLU A 198 21.01 4.65 -5.75
N LEU A 199 20.25 3.56 -5.70
CA LEU A 199 20.67 2.25 -6.18
C LEU A 199 19.77 1.82 -7.32
N PHE A 200 20.39 1.38 -8.42
CA PHE A 200 19.71 0.97 -9.65
C PHE A 200 19.09 2.15 -10.35
N GLY A 201 19.74 3.29 -10.27
CA GLY A 201 19.31 4.43 -11.04
C GLY A 201 19.84 4.38 -12.45
N ARG A 202 19.25 5.21 -13.28
CA ARG A 202 19.68 5.37 -14.66
C ARG A 202 20.30 6.75 -14.84
N PRO A 203 20.89 7.03 -16.00
CA PRO A 203 21.51 8.36 -16.18
C PRO A 203 20.55 9.52 -15.94
N HIS A 204 19.26 9.40 -16.28
CA HIS A 204 18.33 10.49 -16.01
C HIS A 204 18.07 10.73 -14.53
N ASN A 205 18.53 9.85 -13.64
CA ASN A 205 18.27 10.02 -12.22
C ASN A 205 19.38 10.78 -11.51
N VAL A 206 20.47 11.15 -12.20
CA VAL A 206 21.61 11.73 -11.48
C VAL A 206 21.23 13.13 -11.03
N GLN A 207 21.56 13.46 -9.79
CA GLN A 207 21.05 14.64 -9.10
C GLN A 207 22.17 15.28 -8.30
N PRO A 208 22.11 16.61 -8.12
CA PRO A 208 22.94 17.23 -7.07
C PRO A 208 22.61 16.61 -5.72
N ASN A 209 23.64 16.45 -4.88
CA ASN A 209 23.56 15.86 -3.55
C ASN A 209 23.39 14.34 -3.57
N TRP A 210 23.38 13.68 -4.74
CA TRP A 210 23.17 12.23 -4.83
C TRP A 210 24.34 11.54 -5.52
N ILE A 211 24.59 10.29 -5.13
CA ILE A 211 25.50 9.39 -5.82
C ILE A 211 24.65 8.26 -6.41
N THR A 212 24.67 8.12 -7.73
CA THR A 212 23.80 7.17 -8.41
C THR A 212 24.59 5.94 -8.80
N LEU A 213 24.10 4.76 -8.42
CA LEU A 213 24.71 3.51 -8.83
C LEU A 213 23.76 2.78 -9.76
N GLY A 214 24.34 2.08 -10.73
CA GLY A 214 23.59 1.39 -11.76
C GLY A 214 24.55 0.88 -12.80
N ASN A 215 24.10 -0.12 -13.56
CA ASN A 215 24.97 -0.75 -14.54
C ASN A 215 24.79 -0.21 -15.95
N GLN A 216 23.86 0.73 -16.14
CA GLN A 216 23.67 1.43 -17.41
C GLN A 216 24.07 2.89 -17.29
N LEU A 217 24.92 3.22 -16.32
CA LEU A 217 25.49 4.55 -16.23
C LEU A 217 26.75 4.62 -17.10
N ASP A 218 27.21 5.84 -17.29
CA ASP A 218 28.32 6.08 -18.21
C ASP A 218 29.56 6.27 -17.37
N GLY A 219 30.19 5.13 -17.03
CA GLY A 219 31.43 5.12 -16.31
C GLY A 219 31.30 5.58 -14.87
N ILE A 220 32.41 6.10 -14.36
CA ILE A 220 32.55 6.50 -12.96
C ILE A 220 32.74 8.01 -12.97
N HIS A 221 32.01 8.72 -12.10
CA HIS A 221 32.13 10.18 -12.04
C HIS A 221 32.02 10.60 -10.59
N LEU A 222 33.16 10.80 -9.95
CA LEU A 222 33.21 11.01 -8.51
C LEU A 222 33.95 12.29 -8.21
N LEU A 223 33.32 13.15 -7.41
CA LEU A 223 33.85 14.46 -7.07
C LEU A 223 34.16 14.62 -5.59
N ASP A 224 33.40 13.97 -4.71
CA ASP A 224 33.64 14.04 -3.26
C ASP A 224 35.02 13.49 -2.93
N PRO A 225 35.94 14.30 -2.39
CA PRO A 225 37.31 13.82 -2.18
C PRO A 225 37.42 12.58 -1.30
N ASP A 226 36.64 12.48 -0.20
CA ASP A 226 36.71 11.28 0.63
C ASP A 226 36.40 10.03 -0.18
N VAL A 227 35.39 10.11 -1.04
CA VAL A 227 35.01 8.96 -1.86
C VAL A 227 36.10 8.66 -2.89
N VAL A 228 36.62 9.70 -3.56
CA VAL A 228 37.64 9.50 -4.60
C VAL A 228 38.87 8.82 -4.01
N ALA A 229 39.23 9.18 -2.77
CA ALA A 229 40.35 8.53 -2.09
C ALA A 229 40.06 7.04 -1.86
N ARG A 230 38.94 6.74 -1.19
CA ARG A 230 38.65 5.34 -0.87
C ARG A 230 38.46 4.51 -2.14
N PHE A 231 37.85 5.10 -3.17
CA PHE A 231 37.69 4.37 -4.42
C PHE A 231 39.06 4.00 -4.99
N LYS A 232 39.99 4.96 -5.04
CA LYS A 232 41.33 4.66 -5.54
C LYS A 232 41.98 3.53 -4.75
N GLN A 233 41.97 3.62 -3.42
CA GLN A 233 42.60 2.59 -2.59
C GLN A 233 41.97 1.22 -2.84
N ARG A 234 40.64 1.14 -2.79
CA ARG A 234 39.97 -0.15 -2.95
C ARG A 234 40.02 -0.64 -4.39
N TYR A 235 40.03 0.27 -5.37
CA TYR A 235 40.01 -0.08 -6.78
C TYR A 235 41.16 0.61 -7.52
N PRO A 236 42.41 0.24 -7.22
CA PRO A 236 43.56 0.96 -7.79
C PRO A 236 43.69 0.88 -9.31
N ASP A 237 43.10 -0.12 -9.96
CA ASP A 237 43.08 -0.16 -11.41
C ASP A 237 41.72 0.22 -12.00
N GLY A 238 40.72 0.51 -11.16
CA GLY A 238 39.43 0.95 -11.65
C GLY A 238 38.49 -0.13 -12.13
N ILE A 239 38.82 -1.41 -11.97
CA ILE A 239 37.88 -2.48 -12.30
C ILE A 239 37.12 -2.85 -11.03
N ILE A 240 35.97 -3.51 -11.21
CA ILE A 240 35.08 -3.86 -10.10
C ILE A 240 34.61 -5.30 -10.33
N SER A 241 35.36 -6.28 -9.81
CA SER A 241 35.17 -7.67 -10.23
C SER A 241 34.33 -8.53 -9.29
N LYS A 242 34.91 -9.00 -8.17
CA LYS A 242 34.27 -10.03 -7.34
C LYS A 242 33.26 -9.48 -6.35
N ASN B 12 2.09 20.67 -13.04
CA ASN B 12 3.47 20.28 -12.73
C ASN B 12 3.60 19.65 -11.35
N ASP B 13 4.37 20.31 -10.46
CA ASP B 13 4.73 19.73 -9.16
C ASP B 13 3.64 19.98 -8.12
N TYR B 14 2.75 18.99 -7.94
CA TYR B 14 1.69 19.12 -6.95
C TYR B 14 2.18 18.88 -5.53
N CYS B 15 3.35 18.26 -5.36
CA CYS B 15 3.92 18.13 -4.02
C CYS B 15 4.40 19.48 -3.51
N GLN B 16 5.19 20.19 -4.33
CA GLN B 16 5.51 21.59 -4.04
C GLN B 16 4.25 22.41 -3.82
N HIS B 17 3.22 22.19 -4.63
CA HIS B 17 1.98 22.95 -4.45
C HIS B 17 1.33 22.66 -3.09
N PHE B 18 1.39 21.41 -2.61
CA PHE B 18 0.82 21.12 -1.30
C PHE B 18 1.61 21.80 -0.20
N VAL B 19 2.95 21.81 -0.33
CA VAL B 19 3.80 22.55 0.60
C VAL B 19 3.45 24.04 0.58
N ASP B 20 3.10 24.55 -0.60
CA ASP B 20 2.84 25.99 -0.74
C ASP B 20 1.48 26.38 -0.17
N THR B 21 0.42 25.63 -0.50
CA THR B 21 -0.93 26.06 -0.19
C THR B 21 -1.69 25.18 0.78
N GLY B 22 -1.27 23.92 0.96
CA GLY B 22 -2.00 23.00 1.81
C GLY B 22 -3.06 22.18 1.09
N HIS B 23 -3.14 22.30 -0.24
CA HIS B 23 -4.03 21.48 -1.05
C HIS B 23 -3.32 20.17 -1.41
N ARG B 24 -3.85 19.07 -0.89
CA ARG B 24 -3.28 17.75 -1.14
C ARG B 24 -3.17 17.51 -2.65
N PRO B 25 -2.09 16.89 -3.11
CA PRO B 25 -1.97 16.64 -4.56
C PRO B 25 -3.18 15.96 -5.15
N GLN B 26 -3.94 15.22 -4.36
CA GLN B 26 -5.05 14.46 -4.93
C GLN B 26 -6.29 15.32 -5.16
N ASN B 27 -6.27 16.58 -4.75
CA ASN B 27 -7.37 17.48 -5.07
C ASN B 27 -7.44 17.81 -6.55
N PHE B 28 -6.36 17.61 -7.29
CA PHE B 28 -6.29 18.03 -8.69
C PHE B 28 -6.44 16.88 -9.67
N ILE B 29 -6.75 15.67 -9.18
CA ILE B 29 -7.12 14.61 -10.10
C ILE B 29 -8.49 14.90 -10.65
N ARG B 30 -8.65 14.74 -11.96
CA ARG B 30 -9.94 14.99 -12.61
C ARG B 30 -10.73 13.70 -12.79
N ASP B 31 -12.05 13.84 -12.77
CA ASP B 31 -12.99 12.76 -13.05
C ASP B 31 -12.90 11.67 -11.97
N ARG B 45 -16.76 5.22 -23.56
CA ARG B 45 -18.13 4.76 -23.77
C ARG B 45 -18.51 3.63 -22.79
N GLU B 46 -18.77 2.45 -23.34
CA GLU B 46 -19.28 1.28 -22.60
C GLU B 46 -20.65 1.64 -22.00
N LEU B 47 -20.99 1.01 -20.87
CA LEU B 47 -22.18 1.33 -20.08
C LEU B 47 -22.22 0.48 -18.83
N ILE B 48 -21.68 -0.75 -18.90
CA ILE B 48 -21.90 -1.82 -17.92
C ILE B 48 -23.30 -1.70 -17.33
N ARG B 49 -23.39 -1.59 -16.00
CA ARG B 49 -24.61 -1.26 -15.26
C ARG B 49 -25.61 -2.40 -15.29
N LEU B 50 -25.57 -3.23 -16.32
CA LEU B 50 -26.32 -4.48 -16.27
C LEU B 50 -25.75 -5.42 -15.23
N LYS B 51 -24.42 -5.41 -15.04
CA LYS B 51 -23.83 -6.18 -13.96
C LYS B 51 -24.41 -5.76 -12.62
N ASP B 52 -24.50 -4.46 -12.37
CA ASP B 52 -25.11 -3.98 -11.14
C ASP B 52 -26.54 -4.50 -11.01
N GLU B 53 -27.28 -4.50 -12.11
CA GLU B 53 -28.66 -4.99 -12.09
C GLU B 53 -28.70 -6.48 -11.74
N LEU B 54 -27.83 -7.27 -12.36
CA LEU B 54 -27.75 -8.69 -12.04
C LEU B 54 -27.39 -8.90 -10.58
N ILE B 55 -26.37 -8.18 -10.09
CA ILE B 55 -26.04 -8.21 -8.67
C ILE B 55 -27.27 -7.93 -7.83
N ALA B 56 -27.97 -6.84 -8.13
CA ALA B 56 -29.11 -6.41 -7.31
C ALA B 56 -30.18 -7.49 -7.22
N LYS B 57 -30.40 -8.21 -8.32
CA LYS B 57 -31.43 -9.25 -8.38
C LYS B 57 -30.99 -10.49 -7.62
N SER B 58 -29.71 -10.83 -7.73
CA SER B 58 -29.14 -12.00 -7.10
C SER B 58 -28.96 -11.85 -5.60
N ASN B 59 -29.03 -10.63 -5.07
CA ASN B 59 -28.72 -10.40 -3.67
C ASN B 59 -29.72 -11.05 -2.73
N THR B 60 -29.18 -11.84 -1.81
CA THR B 60 -29.96 -12.29 -0.66
C THR B 60 -30.47 -11.10 0.12
N PRO B 61 -31.56 -11.24 0.85
CA PRO B 61 -32.01 -10.19 1.77
C PRO B 61 -30.89 -9.76 2.68
N PRO B 62 -30.88 -8.51 3.13
CA PRO B 62 -29.88 -8.10 4.13
C PRO B 62 -30.10 -8.83 5.44
N MET B 63 -29.01 -9.38 5.98
CA MET B 63 -29.05 -10.05 7.26
C MET B 63 -27.98 -9.46 8.16
N TYR B 64 -28.19 -9.58 9.46
CA TYR B 64 -27.39 -8.81 10.41
C TYR B 64 -27.59 -9.38 11.79
N LEU B 65 -26.60 -9.16 12.65
CA LEU B 65 -26.53 -9.80 13.96
C LEU B 65 -25.63 -8.99 14.87
N GLN B 66 -26.17 -8.43 15.94
CA GLN B 66 -25.31 -7.78 16.90
C GLN B 66 -24.67 -8.85 17.78
N ALA B 67 -23.37 -8.71 17.99
CA ALA B 67 -22.53 -9.70 18.62
C ALA B 67 -21.25 -9.00 19.04
N ASP B 68 -20.81 -9.22 20.27
CA ASP B 68 -19.50 -8.73 20.69
C ASP B 68 -18.47 -9.71 20.16
N ILE B 69 -17.68 -9.24 19.18
CA ILE B 69 -16.89 -10.16 18.37
C ILE B 69 -15.69 -10.67 19.15
N GLU B 70 -15.23 -9.91 20.15
CA GLU B 70 -14.24 -10.47 21.07
C GLU B 70 -14.81 -11.70 21.77
N ALA B 71 -15.98 -11.55 22.40
CA ALA B 71 -16.60 -12.58 23.23
C ALA B 71 -17.33 -13.66 22.44
N PHE B 72 -17.35 -13.57 21.12
CA PHE B 72 -18.23 -14.36 20.28
C PHE B 72 -17.46 -15.51 19.69
N ASP B 73 -18.01 -16.72 19.78
CA ASP B 73 -17.44 -17.83 19.02
C ASP B 73 -17.77 -17.60 17.55
N ILE B 74 -16.73 -17.39 16.74
CA ILE B 74 -16.98 -17.04 15.35
C ILE B 74 -17.63 -18.21 14.61
N ARG B 75 -17.48 -19.43 15.11
CA ARG B 75 -17.91 -20.60 14.37
C ARG B 75 -19.43 -20.75 14.31
N GLU B 76 -20.19 -20.02 15.12
CA GLU B 76 -21.65 -20.01 14.98
C GLU B 76 -22.08 -19.33 13.69
N LEU B 77 -21.17 -18.61 13.03
CA LEU B 77 -21.48 -17.97 11.75
C LEU B 77 -21.26 -19.00 10.64
N THR B 78 -22.36 -19.52 10.11
CA THR B 78 -22.28 -20.48 9.02
C THR B 78 -23.27 -20.01 7.95
N PRO B 79 -23.12 -20.49 6.71
CA PRO B 79 -22.07 -21.43 6.30
C PRO B 79 -20.78 -20.69 6.00
N LYS B 80 -19.75 -21.41 5.54
CA LYS B 80 -18.49 -20.77 5.21
C LYS B 80 -18.75 -19.70 4.16
N PHE B 81 -17.95 -18.63 4.18
CA PHE B 81 -18.23 -17.45 3.38
C PHE B 81 -17.37 -17.40 2.12
N ASP B 82 -17.94 -16.85 1.05
CA ASP B 82 -17.14 -16.61 -0.15
C ASP B 82 -16.31 -15.33 -0.03
N VAL B 83 -16.82 -14.31 0.65
CA VAL B 83 -16.14 -13.02 0.78
C VAL B 83 -16.27 -12.53 2.23
N ILE B 84 -15.20 -11.94 2.76
CA ILE B 84 -15.21 -11.42 4.13
C ILE B 84 -14.62 -10.01 4.11
N LEU B 85 -15.38 -9.04 4.60
CA LEU B 85 -15.00 -7.64 4.71
C LEU B 85 -14.78 -7.33 6.18
N LEU B 86 -13.54 -7.02 6.55
CA LEU B 86 -13.16 -6.95 7.94
C LEU B 86 -12.69 -5.54 8.25
N GLU B 87 -13.41 -4.87 9.16
CA GLU B 87 -13.30 -3.43 9.38
C GLU B 87 -13.18 -3.12 10.88
N PRO B 88 -12.14 -3.64 11.52
CA PRO B 88 -12.02 -3.51 12.98
C PRO B 88 -11.74 -2.07 13.36
N PRO B 89 -12.34 -1.60 14.45
CA PRO B 89 -12.17 -0.20 14.86
C PRO B 89 -10.79 0.09 15.46
N LEU B 90 -9.90 0.66 14.67
CA LEU B 90 -8.55 0.92 15.12
C LEU B 90 -8.48 2.25 15.86
N GLU B 91 -7.59 2.32 16.86
CA GLU B 91 -7.37 3.55 17.63
C GLU B 91 -7.04 4.74 16.73
N GLU B 92 -6.30 4.51 15.65
CA GLU B 92 -5.93 5.60 14.76
C GLU B 92 -7.14 6.23 14.08
N TYR B 93 -8.24 5.48 13.93
CA TYR B 93 -9.45 6.12 13.40
C TYR B 93 -10.03 7.15 14.38
N TYR B 94 -9.68 7.07 15.65
CA TYR B 94 -10.13 8.02 16.67
C TYR B 94 -8.97 8.94 17.00
N ARG B 95 -8.64 9.81 16.05
CA ARG B 95 -7.53 10.74 16.24
C ARG B 95 -7.94 11.87 17.19
N GLU B 96 -8.96 12.64 16.79
CA GLU B 96 -9.42 13.77 17.57
C GLU B 96 -10.71 13.48 18.35
N THR B 97 -11.24 12.27 18.27
CA THR B 97 -12.53 11.96 18.88
C THR B 97 -12.62 10.51 19.34
N LYS B 104 -14.84 0.81 22.45
CA LYS B 104 -13.68 -0.09 22.42
C LYS B 104 -12.92 -0.08 21.09
N CYS B 105 -11.68 0.40 21.10
CA CYS B 105 -10.80 0.23 19.96
C CYS B 105 -10.18 -1.17 20.00
N TRP B 106 -9.89 -1.70 18.81
CA TRP B 106 -9.21 -2.98 18.65
C TRP B 106 -7.76 -2.75 18.28
N THR B 107 -6.87 -3.54 18.86
CA THR B 107 -5.46 -3.58 18.52
C THR B 107 -5.22 -4.66 17.47
N TRP B 108 -4.06 -4.57 16.82
CA TRP B 108 -3.71 -5.65 15.90
C TRP B 108 -3.45 -6.94 16.65
N ASP B 109 -3.09 -6.84 17.93
CA ASP B 109 -3.04 -8.01 18.81
C ASP B 109 -4.40 -8.70 18.84
N ASP B 110 -5.47 -7.94 19.13
CA ASP B 110 -6.81 -8.50 19.13
C ASP B 110 -7.18 -9.05 17.78
N ILE B 111 -6.94 -8.28 16.71
CA ILE B 111 -7.36 -8.71 15.38
C ILE B 111 -6.71 -10.03 15.02
N MET B 112 -5.38 -10.10 15.13
CA MET B 112 -4.67 -11.35 14.82
C MET B 112 -5.27 -12.60 15.45
N LYS B 113 -5.89 -12.48 16.62
CA LYS B 113 -6.39 -13.68 17.30
C LYS B 113 -7.75 -14.13 16.80
N LEU B 114 -8.40 -13.35 15.94
CA LEU B 114 -9.66 -13.80 15.34
C LEU B 114 -9.43 -15.07 14.52
N GLU B 115 -10.34 -16.05 14.65
CA GLU B 115 -10.17 -17.32 13.94
C GLU B 115 -10.85 -17.25 12.56
N ILE B 116 -10.42 -16.27 11.78
CA ILE B 116 -11.02 -15.97 10.48
C ILE B 116 -11.00 -17.19 9.57
N ASP B 117 -9.93 -17.97 9.61
CA ASP B 117 -9.84 -19.19 8.81
C ASP B 117 -10.92 -20.21 9.14
N GLU B 118 -11.49 -20.18 10.34
CA GLU B 118 -12.53 -21.16 10.67
C GLU B 118 -13.87 -20.88 9.99
N ILE B 119 -14.06 -19.69 9.40
CA ILE B 119 -15.32 -19.39 8.74
C ILE B 119 -15.15 -19.01 7.27
N ALA B 120 -13.94 -19.14 6.72
CA ALA B 120 -13.70 -18.87 5.31
C ALA B 120 -13.87 -20.13 4.46
N ALA B 121 -14.44 -19.96 3.27
CA ALA B 121 -14.53 -21.09 2.35
C ALA B 121 -13.15 -21.42 1.78
N PRO B 122 -12.90 -22.69 1.44
CA PRO B 122 -11.59 -23.08 0.87
C PRO B 122 -11.14 -22.25 -0.34
N ARG B 123 -12.07 -21.80 -1.19
CA ARG B 123 -11.79 -20.70 -2.10
C ARG B 123 -12.60 -19.52 -1.61
N SER B 124 -11.92 -18.45 -1.20
CA SER B 124 -12.61 -17.29 -0.65
C SER B 124 -11.68 -16.09 -0.70
N PHE B 125 -12.27 -14.92 -0.44
CA PHE B 125 -11.62 -13.62 -0.55
C PHE B 125 -11.82 -12.85 0.73
N ILE B 126 -10.87 -11.97 1.03
CA ILE B 126 -10.93 -11.13 2.23
C ILE B 126 -10.53 -9.73 1.84
N PHE B 127 -11.23 -8.76 2.40
CA PHE B 127 -10.93 -7.35 2.25
C PHE B 127 -10.81 -6.79 3.64
N LEU B 128 -9.61 -6.32 3.98
CA LEU B 128 -9.25 -5.92 5.34
C LEU B 128 -8.83 -4.45 5.32
N TRP B 129 -9.51 -3.62 6.12
CA TRP B 129 -9.16 -2.22 6.27
C TRP B 129 -8.02 -2.12 7.28
N CYS B 130 -6.91 -1.54 6.86
CA CYS B 130 -5.65 -1.59 7.61
C CYS B 130 -5.18 -0.23 8.05
N GLY B 131 -5.89 0.82 7.69
CA GLY B 131 -5.48 2.15 8.10
C GLY B 131 -4.31 2.57 7.27
N SER B 132 -3.29 3.13 7.91
CA SER B 132 -2.15 3.63 7.18
C SER B 132 -0.86 3.62 7.99
N GLY B 133 -0.86 2.94 9.13
CA GLY B 133 0.34 2.88 9.95
C GLY B 133 0.83 1.45 10.03
N GLU B 134 1.10 0.97 11.25
CA GLU B 134 1.58 -0.40 11.45
C GLU B 134 0.65 -1.44 10.85
N GLY B 135 -0.65 -1.13 10.72
CA GLY B 135 -1.57 -2.03 10.04
C GLY B 135 -1.12 -2.48 8.66
N LEU B 136 -0.33 -1.67 7.95
CA LEU B 136 0.05 -2.10 6.61
C LEU B 136 0.98 -3.29 6.66
N ASP B 137 1.67 -3.47 7.78
CA ASP B 137 2.51 -4.64 7.98
C ASP B 137 1.75 -5.73 8.74
N LEU B 138 1.09 -5.36 9.83
CA LEU B 138 0.42 -6.36 10.65
C LEU B 138 -0.75 -6.98 9.91
N GLY B 139 -1.42 -6.20 9.05
CA GLY B 139 -2.50 -6.77 8.27
C GLY B 139 -2.00 -7.80 7.29
N ARG B 140 -0.78 -7.65 6.79
CA ARG B 140 -0.22 -8.72 5.97
C ARG B 140 -0.01 -9.99 6.79
N VAL B 141 0.48 -9.84 8.03
CA VAL B 141 0.71 -10.97 8.94
C VAL B 141 -0.60 -11.70 9.20
N CYS B 142 -1.69 -10.94 9.41
CA CYS B 142 -3.02 -11.53 9.62
C CYS B 142 -3.42 -12.39 8.42
N LEU B 143 -3.34 -11.81 7.22
CA LEU B 143 -3.75 -12.51 6.01
C LEU B 143 -3.00 -13.83 5.89
N ARG B 144 -1.69 -13.78 6.10
CA ARG B 144 -0.90 -15.02 6.03
C ARG B 144 -1.28 -15.96 7.16
N LYS B 145 -1.56 -15.42 8.36
CA LYS B 145 -1.96 -16.29 9.45
C LYS B 145 -3.25 -17.03 9.13
N TRP B 146 -4.19 -16.37 8.45
CA TRP B 146 -5.49 -16.97 8.11
C TRP B 146 -5.48 -17.71 6.78
N GLY B 147 -4.37 -17.73 6.06
CA GLY B 147 -4.25 -18.56 4.89
C GLY B 147 -4.43 -17.89 3.55
N TYR B 148 -4.47 -16.56 3.51
CA TYR B 148 -4.58 -15.88 2.22
C TYR B 148 -3.22 -15.41 1.77
N ARG B 149 -3.16 -15.13 0.48
CA ARG B 149 -2.08 -14.36 -0.10
C ARG B 149 -2.71 -13.06 -0.60
N ARG B 150 -1.95 -11.97 -0.51
CA ARG B 150 -2.43 -10.68 -0.99
C ARG B 150 -2.35 -10.61 -2.51
N CYS B 151 -3.47 -10.31 -3.15
CA CYS B 151 -3.49 -10.06 -4.58
C CYS B 151 -3.69 -8.60 -4.96
N GLU B 152 -4.36 -7.80 -4.14
CA GLU B 152 -4.52 -6.38 -4.43
C GLU B 152 -4.31 -5.52 -3.19
N ASP B 153 -3.86 -4.29 -3.45
CA ASP B 153 -3.69 -3.26 -2.43
C ASP B 153 -4.53 -2.08 -2.91
N ILE B 154 -5.67 -1.86 -2.27
CA ILE B 154 -6.65 -0.85 -2.67
C ILE B 154 -6.51 0.39 -1.77
N CYS B 155 -6.26 1.56 -2.34
CA CYS B 155 -6.04 2.78 -1.56
C CYS B 155 -7.24 3.71 -1.60
N TRP B 156 -7.67 4.14 -0.42
CA TRP B 156 -8.68 5.19 -0.26
C TRP B 156 -7.95 6.51 -0.01
N ILE B 157 -7.95 7.36 -1.01
CA ILE B 157 -7.19 8.60 -1.03
C ILE B 157 -8.13 9.75 -0.68
N LYS B 158 -7.80 10.50 0.36
CA LYS B 158 -8.69 11.51 0.91
C LYS B 158 -8.27 12.90 0.43
N THR B 159 -9.12 13.51 -0.40
CA THR B 159 -8.95 14.91 -0.74
C THR B 159 -9.35 15.80 0.44
N ASN B 160 -8.88 17.04 0.41
CA ASN B 160 -9.18 18.06 1.42
C ASN B 160 -9.61 19.38 0.77
N LYS B 161 -10.44 19.27 -0.28
CA LYS B 161 -10.82 20.45 -1.06
C LYS B 161 -11.60 21.46 -0.23
N ASN B 162 -12.30 21.00 0.81
CA ASN B 162 -13.04 21.89 1.69
C ASN B 162 -12.27 22.28 2.96
N ASN B 163 -11.09 21.75 3.17
CA ASN B 163 -10.32 22.30 4.29
C ASN B 163 -8.84 22.35 3.96
N PRO B 164 -8.42 23.11 2.93
CA PRO B 164 -6.97 23.30 2.70
C PRO B 164 -6.24 23.77 3.93
N GLY B 165 -6.93 24.45 4.84
CA GLY B 165 -6.26 25.01 6.02
C GLY B 165 -5.86 23.96 7.03
N LYS B 166 -6.80 23.06 7.37
CA LYS B 166 -6.58 22.06 8.42
C LYS B 166 -5.33 21.24 8.15
N THR B 167 -4.32 21.38 9.02
CA THR B 167 -3.11 20.57 8.96
C THR B 167 -3.33 19.25 9.69
N LYS B 168 -2.33 18.35 9.61
CA LYS B 168 -2.45 16.99 10.11
C LYS B 168 -1.60 16.79 11.36
N THR B 169 -2.20 16.22 12.40
CA THR B 169 -1.43 15.77 13.56
C THR B 169 -0.74 14.45 13.22
N LEU B 170 0.59 14.46 13.27
CA LEU B 170 1.38 13.32 12.83
C LEU B 170 1.54 12.30 13.94
N ASP B 171 1.40 11.02 13.58
CA ASP B 171 1.89 9.92 14.41
C ASP B 171 3.40 10.08 14.58
N PRO B 172 3.94 9.88 15.82
CA PRO B 172 5.38 10.08 16.08
C PRO B 172 6.28 9.53 14.99
N LYS B 173 5.98 8.31 14.54
CA LYS B 173 6.84 7.63 13.58
C LYS B 173 6.66 8.16 12.16
N ALA B 174 5.62 8.95 11.89
CA ALA B 174 5.34 9.39 10.54
C ALA B 174 6.45 10.28 10.00
N VAL B 175 6.71 10.11 8.71
CA VAL B 175 7.68 10.93 8.00
C VAL B 175 6.90 11.96 7.23
N PHE B 176 5.74 11.55 6.74
CA PHE B 176 4.91 12.40 5.91
C PHE B 176 3.51 12.56 6.50
N GLN B 177 2.73 13.46 5.92
CA GLN B 177 1.33 13.57 6.27
C GLN B 177 0.58 12.42 5.64
N ARG B 178 -0.18 11.69 6.46
CA ARG B 178 -0.88 10.48 6.01
C ARG B 178 -2.28 10.84 5.55
N THR B 179 -2.52 10.67 4.25
CA THR B 179 -3.74 11.15 3.59
C THR B 179 -4.50 10.02 2.89
N LYS B 180 -4.34 8.78 3.35
CA LYS B 180 -4.93 7.65 2.64
C LYS B 180 -5.04 6.48 3.61
N GLU B 181 -5.92 5.53 3.29
CA GLU B 181 -6.04 4.28 4.04
C GLU B 181 -5.96 3.14 3.04
N HIS B 182 -5.44 1.99 3.48
CA HIS B 182 -5.32 0.81 2.61
C HIS B 182 -6.32 -0.28 2.97
N CYS B 183 -6.95 -0.86 1.96
CA CYS B 183 -7.80 -2.03 2.12
C CYS B 183 -7.19 -3.18 1.35
N LEU B 184 -6.75 -4.22 2.05
CA LEU B 184 -6.01 -5.28 1.40
C LEU B 184 -6.93 -6.41 0.96
N MET B 185 -6.69 -6.90 -0.25
CA MET B 185 -7.42 -8.02 -0.80
C MET B 185 -6.58 -9.28 -0.70
N GLY B 186 -7.23 -10.39 -0.33
CA GLY B 186 -6.57 -11.65 -0.09
C GLY B 186 -7.35 -12.80 -0.71
N ILE B 187 -6.62 -13.71 -1.33
CA ILE B 187 -7.19 -14.90 -1.94
C ILE B 187 -6.64 -16.11 -1.21
N LYS B 188 -7.49 -17.11 -1.01
CA LYS B 188 -7.07 -18.41 -0.52
C LYS B 188 -7.79 -19.43 -1.37
N GLY B 189 -7.05 -20.42 -1.83
CA GLY B 189 -7.60 -21.41 -2.74
C GLY B 189 -7.08 -21.18 -4.13
N THR B 190 -7.76 -21.83 -5.08
CA THR B 190 -7.47 -21.64 -6.49
C THR B 190 -8.38 -20.57 -7.08
N VAL B 191 -7.78 -19.51 -7.61
CA VAL B 191 -8.48 -18.39 -8.24
C VAL B 191 -9.76 -18.02 -7.51
N VAL B 204 -12.47 -3.64 -15.75
CA VAL B 204 -13.42 -3.57 -14.64
C VAL B 204 -13.17 -2.33 -13.75
N ASP B 205 -12.51 -2.51 -12.61
CA ASP B 205 -12.29 -1.46 -11.61
C ASP B 205 -10.80 -1.18 -11.42
N ILE B 206 -10.54 -0.01 -10.84
CA ILE B 206 -9.20 0.47 -10.53
C ILE B 206 -8.96 0.25 -9.03
N ASP B 207 -7.68 0.12 -8.65
CA ASP B 207 -7.33 -0.09 -7.24
C ASP B 207 -7.23 1.22 -6.45
N LEU B 208 -8.02 2.26 -6.79
CA LEU B 208 -8.02 3.53 -6.08
C LEU B 208 -9.44 3.98 -5.78
N ILE B 209 -9.66 4.55 -4.60
CA ILE B 209 -10.91 5.21 -4.25
C ILE B 209 -10.56 6.62 -3.78
N ILE B 210 -11.18 7.62 -4.42
CA ILE B 210 -10.91 9.03 -4.14
C ILE B 210 -12.22 9.67 -3.69
N THR B 211 -12.27 10.08 -2.42
CA THR B 211 -13.37 10.84 -1.85
C THR B 211 -12.80 11.91 -0.94
N GLU B 212 -13.66 12.82 -0.50
CA GLU B 212 -13.24 13.86 0.43
C GLU B 212 -13.10 13.27 1.83
N GLU B 213 -12.12 13.78 2.58
CA GLU B 213 -11.86 13.27 3.92
C GLU B 213 -13.08 13.47 4.81
N PRO B 214 -13.59 12.43 5.45
CA PRO B 214 -14.78 12.59 6.30
C PRO B 214 -14.54 13.53 7.45
N GLU B 215 -15.63 13.97 8.09
CA GLU B 215 -15.51 14.86 9.23
C GLU B 215 -14.80 14.16 10.37
N ILE B 216 -14.17 14.94 11.25
CA ILE B 216 -13.49 14.34 12.40
C ILE B 216 -14.48 13.48 13.17
N GLY B 217 -14.05 12.28 13.55
CA GLY B 217 -14.89 11.34 14.28
C GLY B 217 -15.78 10.46 13.42
N ASN B 218 -15.87 10.71 12.12
CA ASN B 218 -16.63 9.85 11.22
C ASN B 218 -15.72 8.70 10.79
N ILE B 219 -16.08 7.48 11.19
CA ILE B 219 -15.24 6.34 10.88
C ILE B 219 -15.61 5.63 9.58
N GLU B 220 -16.71 6.03 8.95
CA GLU B 220 -17.24 5.26 7.82
C GLU B 220 -16.21 5.16 6.69
N LYS B 221 -16.08 3.99 6.16
CA LYS B 221 -15.29 3.84 4.96
C LYS B 221 -16.17 4.11 3.74
N PRO B 222 -15.57 4.53 2.61
CA PRO B 222 -16.36 4.76 1.41
C PRO B 222 -17.16 3.53 1.01
N VAL B 223 -18.42 3.75 0.67
CA VAL B 223 -19.28 2.68 0.19
C VAL B 223 -18.78 2.07 -1.12
N GLU B 224 -17.91 2.76 -1.85
CA GLU B 224 -17.46 2.25 -3.15
C GLU B 224 -16.77 0.89 -3.03
N ILE B 225 -16.13 0.62 -1.89
CA ILE B 225 -15.53 -0.68 -1.66
C ILE B 225 -16.55 -1.80 -1.89
N PHE B 226 -17.80 -1.60 -1.51
CA PHE B 226 -18.81 -2.61 -1.79
C PHE B 226 -19.02 -2.79 -3.29
N HIS B 227 -18.90 -1.72 -4.07
CA HIS B 227 -19.11 -1.88 -5.51
C HIS B 227 -17.94 -2.63 -6.12
N ILE B 228 -16.72 -2.26 -5.76
CA ILE B 228 -15.56 -3.03 -6.18
C ILE B 228 -15.74 -4.51 -5.84
N ILE B 229 -16.07 -4.81 -4.59
CA ILE B 229 -16.18 -6.21 -4.18
C ILE B 229 -17.25 -6.91 -5.01
N GLU B 230 -18.46 -6.35 -5.05
CA GLU B 230 -19.52 -7.00 -5.80
C GLU B 230 -19.16 -7.16 -7.27
N HIS B 231 -18.46 -6.19 -7.86
CA HIS B 231 -18.14 -6.34 -9.27
C HIS B 231 -17.18 -7.48 -9.55
N PHE B 232 -16.55 -8.07 -8.52
CA PHE B 232 -15.68 -9.22 -8.75
C PHE B 232 -16.46 -10.50 -9.04
N CYS B 233 -17.71 -10.60 -8.56
CA CYS B 233 -18.57 -11.78 -8.74
C CYS B 233 -17.93 -13.04 -8.16
N LEU B 234 -17.74 -13.02 -6.84
CA LEU B 234 -16.96 -14.05 -6.15
C LEU B 234 -17.83 -15.05 -5.41
N GLY B 235 -19.14 -14.95 -5.51
CA GLY B 235 -20.05 -15.73 -4.69
C GLY B 235 -20.98 -14.85 -3.87
N ARG B 236 -21.99 -15.49 -3.31
CA ARG B 236 -23.09 -14.78 -2.69
C ARG B 236 -23.05 -14.80 -1.16
N ARG B 237 -22.13 -15.57 -0.55
CA ARG B 237 -21.97 -15.58 0.92
C ARG B 237 -20.96 -14.52 1.32
N ARG B 238 -21.48 -13.34 1.70
CA ARG B 238 -20.67 -12.17 1.98
C ARG B 238 -20.87 -11.74 3.44
N LEU B 239 -19.76 -11.68 4.19
CA LEU B 239 -19.77 -11.35 5.61
C LEU B 239 -19.05 -10.03 5.82
N HIS B 240 -19.62 -9.17 6.68
CA HIS B 240 -18.99 -7.90 7.03
C HIS B 240 -18.86 -7.82 8.54
N LEU B 241 -17.65 -8.00 9.04
CA LEU B 241 -17.41 -8.01 10.47
C LEU B 241 -17.05 -6.61 10.91
N PHE B 242 -17.71 -6.17 11.98
CA PHE B 242 -17.63 -4.80 12.51
C PHE B 242 -18.39 -3.81 11.64
N GLY B 243 -19.41 -4.29 10.93
CA GLY B 243 -20.39 -3.43 10.34
C GLY B 243 -21.26 -2.77 11.39
N ARG B 244 -22.16 -1.90 10.92
CA ARG B 244 -22.93 -1.03 11.79
C ARG B 244 -24.33 -0.94 11.17
N ASP B 245 -25.27 -0.38 11.95
CA ASP B 245 -26.61 -0.13 11.42
C ASP B 245 -26.56 0.56 10.08
N SER B 246 -25.56 1.42 9.85
CA SER B 246 -25.44 2.23 8.66
C SER B 246 -24.71 1.54 7.51
N THR B 247 -24.13 0.37 7.72
CA THR B 247 -23.50 -0.32 6.62
C THR B 247 -24.33 -1.48 6.08
N ILE B 248 -25.39 -1.87 6.78
CA ILE B 248 -26.21 -3.00 6.36
C ILE B 248 -26.68 -2.78 4.92
N ARG B 249 -26.78 -3.86 4.17
CA ARG B 249 -26.82 -3.78 2.72
C ARG B 249 -27.35 -5.10 2.18
N PRO B 250 -28.13 -5.09 1.10
CA PRO B 250 -28.54 -6.36 0.51
C PRO B 250 -27.31 -7.12 0.04
N GLY B 251 -27.47 -8.43 -0.10
CA GLY B 251 -26.32 -9.23 -0.47
C GLY B 251 -25.32 -9.52 0.64
N TRP B 252 -25.51 -8.96 1.84
CA TRP B 252 -24.48 -9.02 2.86
C TRP B 252 -25.08 -9.47 4.18
N LEU B 253 -24.24 -10.16 4.96
CA LEU B 253 -24.51 -10.46 6.36
C LEU B 253 -23.59 -9.59 7.24
N THR B 254 -24.18 -8.75 8.06
CA THR B 254 -23.42 -7.83 8.87
C THR B 254 -23.39 -8.30 10.31
N VAL B 255 -22.20 -8.39 10.91
CA VAL B 255 -22.03 -8.78 12.31
C VAL B 255 -21.18 -7.71 13.01
N GLY B 256 -21.66 -7.23 14.16
CA GLY B 256 -20.97 -6.15 14.83
C GLY B 256 -21.55 -5.78 16.17
N PRO B 257 -20.72 -5.25 17.06
CA PRO B 257 -21.16 -5.04 18.45
C PRO B 257 -22.13 -3.89 18.63
N THR B 258 -22.25 -2.99 17.66
CA THR B 258 -23.08 -1.81 17.82
C THR B 258 -24.39 -1.90 17.05
N LEU B 259 -24.64 -2.99 16.31
CA LEU B 259 -25.96 -3.19 15.74
C LEU B 259 -27.01 -3.15 16.83
N THR B 260 -28.12 -2.47 16.56
CA THR B 260 -29.19 -2.36 17.53
C THR B 260 -30.26 -3.42 17.36
N ASN B 261 -30.28 -4.10 16.22
CA ASN B 261 -31.26 -5.12 15.90
C ASN B 261 -30.55 -6.30 15.27
N SER B 262 -31.13 -7.49 15.42
CA SER B 262 -30.61 -8.68 14.78
C SER B 262 -31.76 -9.39 14.08
N ASN B 263 -31.45 -10.05 12.96
CA ASN B 263 -32.41 -10.91 12.28
C ASN B 263 -31.75 -12.18 11.76
N TYR B 264 -30.50 -12.45 12.12
CA TYR B 264 -29.77 -13.58 11.56
C TYR B 264 -30.30 -14.88 12.13
N ASN B 265 -30.47 -15.85 11.25
CA ASN B 265 -30.82 -17.22 11.62
C ASN B 265 -30.06 -18.13 10.69
N ALA B 266 -29.17 -18.96 11.25
CA ALA B 266 -28.22 -19.74 10.45
C ALA B 266 -28.93 -20.63 9.44
N GLU B 267 -30.10 -21.15 9.81
CA GLU B 267 -30.84 -21.99 8.88
C GLU B 267 -31.57 -21.16 7.81
N THR B 268 -32.15 -20.03 8.20
CA THR B 268 -32.69 -19.11 7.19
C THR B 268 -31.60 -18.65 6.23
N TYR B 269 -30.42 -18.30 6.78
CA TYR B 269 -29.32 -17.84 5.94
C TYR B 269 -28.85 -18.94 5.00
N ALA B 270 -28.74 -20.18 5.51
CA ALA B 270 -28.28 -21.28 4.65
C ALA B 270 -29.29 -21.59 3.55
N SER B 271 -30.57 -21.32 3.76
CA SER B 271 -31.55 -21.65 2.74
C SER B 271 -31.36 -20.82 1.49
N TYR B 272 -30.69 -19.66 1.57
CA TYR B 272 -30.54 -18.82 0.38
C TYR B 272 -29.54 -19.41 -0.59
N PHE B 273 -28.71 -20.34 -0.14
CA PHE B 273 -27.66 -20.91 -0.95
C PHE B 273 -27.81 -22.40 -1.13
N SER B 274 -28.93 -22.98 -0.68
CA SER B 274 -29.17 -24.38 -0.94
C SER B 274 -29.33 -24.59 -2.45
N ALA B 275 -29.26 -25.86 -2.87
CA ALA B 275 -29.45 -26.19 -4.27
C ALA B 275 -30.79 -25.64 -4.75
N PRO B 276 -30.87 -25.10 -5.97
CA PRO B 276 -29.83 -25.05 -7.01
C PRO B 276 -28.95 -23.78 -7.02
N ASN B 277 -28.77 -23.08 -5.89
CA ASN B 277 -28.09 -21.79 -5.88
C ASN B 277 -26.69 -21.85 -5.28
N SER B 278 -26.13 -23.06 -5.13
CA SER B 278 -24.93 -23.25 -4.32
C SER B 278 -23.72 -22.48 -4.86
N TYR B 279 -23.63 -22.26 -6.17
CA TYR B 279 -22.40 -21.75 -6.76
C TYR B 279 -22.63 -20.55 -7.67
N LEU B 280 -23.70 -19.80 -7.47
CA LEU B 280 -23.89 -18.60 -8.25
C LEU B 280 -22.79 -17.59 -7.93
N THR B 281 -22.28 -16.91 -8.95
CA THR B 281 -21.26 -15.92 -8.68
C THR B 281 -21.82 -14.69 -8.00
N GLY B 282 -23.13 -14.48 -8.07
CA GLY B 282 -23.70 -13.22 -7.68
C GLY B 282 -23.92 -12.27 -8.84
N CYS B 283 -23.54 -12.67 -10.06
CA CYS B 283 -23.62 -11.83 -11.25
C CYS B 283 -24.38 -12.51 -12.38
N THR B 284 -25.14 -13.56 -12.08
CA THR B 284 -25.89 -14.28 -13.09
C THR B 284 -27.38 -14.20 -12.76
N GLU B 285 -28.20 -14.65 -13.70
CA GLU B 285 -29.64 -14.66 -13.49
C GLU B 285 -30.00 -15.71 -12.43
N GLU B 286 -31.09 -15.45 -11.71
CA GLU B 286 -31.61 -16.44 -10.77
C GLU B 286 -32.08 -17.68 -11.52
N ILE B 287 -32.13 -18.80 -10.80
CA ILE B 287 -32.56 -20.08 -11.38
C ILE B 287 -34.07 -20.23 -11.17
N GLU B 288 -34.79 -20.44 -12.27
CA GLU B 288 -36.25 -20.51 -12.25
C GLU B 288 -36.77 -21.64 -11.37
#